data_1K20
#
_entry.id   1K20
#
_cell.length_a   60.197
_cell.length_b   87.552
_cell.length_c   130.027
_cell.angle_alpha   90.00
_cell.angle_beta   90.00
_cell.angle_gamma   90.00
#
_symmetry.space_group_name_H-M   'P 21 21 21'
#
loop_
_entity.id
_entity.type
_entity.pdbx_description
1 polymer 'Manganese-dependent inorganic pyrophosphatase'
2 non-polymer 'MANGANESE (II) ION'
3 non-polymer 'SULFATE ION'
4 non-polymer GLYCEROL
5 water water
#
_entity_poly.entity_id   1
_entity_poly.type   'polypeptide(L)'
_entity_poly.pdbx_seq_one_letter_code
;SKILVFGHQNPDSDAIGSSYAFAYLAREAYGLDTEAVALGEPNEETAFVLDYFGVAAPRVITSAKAEGAEQVILTDHNEF
QQSVADIAEVEVYGVVDHHRVANFETANPLYMRLEPVGSASSIVYRMFKEHSVAVSKEIAGLMLSGLISDTLLLKSPTTH
PTDKAIAPELAELAGVNLEEYGLAMLKAGTNLASKSAEELIDIDAKTFELNGNNVRVAQVNTVDIAEVLERQAEIEAAIE
KAIADNGYSDFVLMITDIINSNSEILAIGSNMDKVEAAFNFVLENNHAFLAGAVSRKKQVVPQLTESFNA
;
_entity_poly.pdbx_strand_id   A,B
#
loop_
_chem_comp.id
_chem_comp.type
_chem_comp.name
_chem_comp.formula
GOL non-polymer GLYCEROL 'C3 H8 O3'
MN non-polymer 'MANGANESE (II) ION' 'Mn 2'
SO4 non-polymer 'SULFATE ION' 'O4 S -2'
#
# COMPACT_ATOMS: atom_id res chain seq x y z
N SER A 1 -3.81 -23.12 4.48
CA SER A 1 -3.85 -22.80 5.94
C SER A 1 -4.83 -21.66 6.21
N LYS A 2 -5.15 -21.46 7.48
CA LYS A 2 -6.09 -20.42 7.89
C LYS A 2 -5.51 -19.01 7.76
N ILE A 3 -6.21 -18.15 7.01
CA ILE A 3 -5.79 -16.77 6.82
C ILE A 3 -6.60 -15.91 7.78
N LEU A 4 -5.90 -15.28 8.73
CA LEU A 4 -6.58 -14.44 9.71
C LEU A 4 -6.85 -13.05 9.15
N VAL A 5 -8.04 -12.55 9.40
CA VAL A 5 -8.45 -11.22 8.94
C VAL A 5 -8.78 -10.41 10.19
N PHE A 6 -8.11 -9.29 10.37
CA PHE A 6 -8.34 -8.48 11.56
C PHE A 6 -7.98 -7.01 11.42
N GLY A 7 -8.58 -6.21 12.30
CA GLY A 7 -8.31 -4.79 12.33
C GLY A 7 -7.19 -4.53 13.33
N HIS A 8 -6.97 -3.26 13.65
CA HIS A 8 -5.90 -2.86 14.56
C HIS A 8 -6.15 -3.12 16.04
N GLN A 9 -5.10 -2.93 16.84
CA GLN A 9 -5.18 -3.07 18.29
C GLN A 9 -6.23 -2.05 18.73
N ASN A 10 -6.94 -2.34 19.82
CA ASN A 10 -8.00 -1.45 20.29
C ASN A 10 -8.98 -1.25 19.13
N PRO A 11 -9.46 -2.35 18.54
CA PRO A 11 -10.37 -2.23 17.41
C PRO A 11 -11.62 -1.41 17.70
N ASP A 12 -12.05 -0.63 16.71
CA ASP A 12 -13.27 0.16 16.85
C ASP A 12 -14.34 -0.51 15.99
N SER A 13 -15.49 0.14 15.82
CA SER A 13 -16.56 -0.47 15.04
C SER A 13 -16.18 -0.75 13.60
N ASP A 14 -15.44 0.17 12.97
CA ASP A 14 -15.04 -0.06 11.59
C ASP A 14 -14.02 -1.20 11.48
N ALA A 15 -13.12 -1.31 12.45
CA ALA A 15 -12.14 -2.38 12.42
C ALA A 15 -12.83 -3.74 12.49
N ILE A 16 -13.77 -3.88 13.42
CA ILE A 16 -14.52 -5.11 13.60
C ILE A 16 -15.43 -5.40 12.40
N GLY A 17 -16.18 -4.39 11.97
CA GLY A 17 -17.07 -4.57 10.85
C GLY A 17 -16.39 -4.91 9.54
N SER A 18 -15.32 -4.20 9.22
CA SER A 18 -14.61 -4.44 7.97
C SER A 18 -13.91 -5.79 7.91
N SER A 19 -13.35 -6.24 9.03
CA SER A 19 -12.68 -7.53 9.04
C SER A 19 -13.71 -8.67 9.00
N TYR A 20 -14.81 -8.51 9.73
CA TYR A 20 -15.85 -9.53 9.73
C TYR A 20 -16.39 -9.68 8.31
N ALA A 21 -16.70 -8.55 7.68
CA ALA A 21 -17.25 -8.55 6.33
C ALA A 21 -16.26 -9.06 5.29
N PHE A 22 -15.01 -8.60 5.36
CA PHE A 22 -14.05 -9.03 4.36
C PHE A 22 -13.71 -10.52 4.45
N ALA A 23 -13.68 -11.06 5.67
CA ALA A 23 -13.40 -12.49 5.82
C ALA A 23 -14.45 -13.28 5.06
N TYR A 24 -15.71 -12.83 5.14
CA TYR A 24 -16.80 -13.50 4.44
C TYR A 24 -16.62 -13.36 2.93
N LEU A 25 -16.34 -12.15 2.47
CA LEU A 25 -16.15 -11.90 1.04
C LEU A 25 -15.06 -12.76 0.42
N ALA A 26 -13.91 -12.83 1.09
CA ALA A 26 -12.79 -13.61 0.58
C ALA A 26 -13.10 -15.09 0.47
N ARG A 27 -13.84 -15.62 1.45
CA ARG A 27 -14.20 -17.03 1.43
C ARG A 27 -15.21 -17.32 0.33
N GLU A 28 -16.22 -16.45 0.22
CA GLU A 28 -17.28 -16.63 -0.76
C GLU A 28 -16.82 -16.45 -2.20
N ALA A 29 -16.01 -15.43 -2.45
CA ALA A 29 -15.54 -15.15 -3.79
C ALA A 29 -14.38 -16.00 -4.30
N TYR A 30 -13.46 -16.39 -3.41
CA TYR A 30 -12.32 -17.19 -3.84
C TYR A 30 -12.12 -18.50 -3.11
N GLY A 31 -12.99 -18.79 -2.14
CA GLY A 31 -12.86 -20.03 -1.39
C GLY A 31 -11.71 -20.03 -0.41
N LEU A 32 -11.19 -18.86 -0.08
CA LEU A 32 -10.08 -18.77 0.86
C LEU A 32 -10.53 -19.16 2.27
N ASP A 33 -9.66 -19.86 2.99
CA ASP A 33 -9.95 -20.30 4.33
C ASP A 33 -9.64 -19.20 5.34
N THR A 34 -10.49 -18.18 5.35
CA THR A 34 -10.32 -17.04 6.22
C THR A 34 -11.07 -17.20 7.54
N GLU A 35 -10.61 -16.43 8.53
CA GLU A 35 -11.26 -16.39 9.83
C GLU A 35 -11.10 -14.97 10.36
N ALA A 36 -12.22 -14.33 10.67
CA ALA A 36 -12.18 -12.99 11.22
C ALA A 36 -11.89 -13.14 12.70
N VAL A 37 -10.89 -12.40 13.17
CA VAL A 37 -10.51 -12.41 14.57
C VAL A 37 -10.27 -10.96 14.97
N ALA A 38 -10.03 -10.73 16.26
CA ALA A 38 -9.79 -9.37 16.75
C ALA A 38 -8.59 -9.35 17.68
N LEU A 39 -8.00 -8.18 17.86
CA LEU A 39 -6.84 -8.03 18.74
C LEU A 39 -7.25 -7.50 20.10
N GLY A 40 -8.56 -7.35 20.30
CA GLY A 40 -9.07 -6.85 21.57
C GLY A 40 -10.58 -7.00 21.63
N GLU A 41 -11.14 -6.85 22.82
CA GLU A 41 -12.60 -6.93 23.00
C GLU A 41 -13.22 -5.67 22.42
N PRO A 42 -14.48 -5.75 21.99
CA PRO A 42 -15.14 -4.57 21.42
C PRO A 42 -15.34 -3.45 22.43
N ASN A 43 -15.31 -2.20 21.97
CA ASN A 43 -15.56 -1.09 22.89
C ASN A 43 -17.09 -1.04 23.07
N GLU A 44 -17.58 -0.11 23.89
CA GLU A 44 -19.01 -0.04 24.15
C GLU A 44 -19.88 0.25 22.94
N GLU A 45 -19.39 1.07 22.02
CA GLU A 45 -20.15 1.39 20.82
C GLU A 45 -20.31 0.12 19.98
N THR A 46 -19.21 -0.58 19.77
CA THR A 46 -19.26 -1.79 18.96
C THR A 46 -20.07 -2.89 19.64
N ALA A 47 -20.03 -2.94 20.96
CA ALA A 47 -20.80 -3.96 21.68
C ALA A 47 -22.28 -3.74 21.36
N PHE A 48 -22.70 -2.48 21.28
CA PHE A 48 -24.08 -2.16 20.95
C PHE A 48 -24.39 -2.62 19.53
N VAL A 49 -23.47 -2.35 18.61
CA VAL A 49 -23.63 -2.74 17.22
C VAL A 49 -23.78 -4.25 17.08
N LEU A 50 -22.84 -4.99 17.67
CA LEU A 50 -22.85 -6.44 17.61
C LEU A 50 -24.13 -7.03 18.18
N ASP A 51 -24.55 -6.57 19.35
CA ASP A 51 -25.77 -7.08 19.96
C ASP A 51 -27.00 -6.71 19.14
N TYR A 52 -27.00 -5.51 18.55
CA TYR A 52 -28.13 -5.06 17.74
C TYR A 52 -28.37 -5.98 16.55
N PHE A 53 -27.30 -6.34 15.86
CA PHE A 53 -27.42 -7.20 14.69
C PHE A 53 -27.27 -8.69 14.95
N GLY A 54 -27.11 -9.06 16.22
CA GLY A 54 -27.00 -10.46 16.59
C GLY A 54 -25.75 -11.16 16.12
N VAL A 55 -24.62 -10.46 16.22
CA VAL A 55 -23.34 -11.01 15.80
C VAL A 55 -22.40 -11.11 17.00
N ALA A 56 -21.77 -12.27 17.18
CA ALA A 56 -20.84 -12.44 18.29
C ALA A 56 -19.55 -11.71 18.00
N ALA A 57 -18.91 -11.18 19.03
CA ALA A 57 -17.65 -10.48 18.85
C ALA A 57 -16.61 -11.47 18.32
N PRO A 58 -15.80 -11.04 17.34
CA PRO A 58 -14.78 -11.96 16.80
C PRO A 58 -13.86 -12.39 17.93
N ARG A 59 -13.42 -13.64 17.93
CA ARG A 59 -12.56 -14.10 19.00
C ARG A 59 -11.24 -13.33 19.02
N VAL A 60 -10.73 -13.11 20.23
CA VAL A 60 -9.51 -12.36 20.43
C VAL A 60 -8.26 -13.25 20.38
N ILE A 61 -7.25 -12.78 19.65
CA ILE A 61 -5.99 -13.49 19.54
C ILE A 61 -4.87 -12.55 19.92
N THR A 62 -3.70 -13.09 20.22
CA THR A 62 -2.54 -12.28 20.58
C THR A 62 -1.35 -12.55 19.67
N SER A 63 -1.38 -13.69 18.98
CA SER A 63 -0.30 -14.06 18.09
C SER A 63 -0.82 -14.81 16.87
N ALA A 64 -0.45 -14.34 15.68
CA ALA A 64 -0.89 -14.98 14.45
C ALA A 64 -0.29 -16.37 14.34
N LYS A 65 1.00 -16.48 14.69
CA LYS A 65 1.68 -17.77 14.63
C LYS A 65 1.10 -18.77 15.61
N ALA A 66 0.67 -18.29 16.77
CA ALA A 66 0.08 -19.16 17.79
C ALA A 66 -1.23 -19.77 17.28
N GLU A 67 -1.89 -19.10 16.34
CA GLU A 67 -3.14 -19.59 15.78
C GLU A 67 -2.88 -20.50 14.58
N GLY A 68 -1.61 -20.69 14.26
CA GLY A 68 -1.25 -21.54 13.14
C GLY A 68 -1.40 -20.87 11.79
N ALA A 69 -1.42 -19.54 11.78
CA ALA A 69 -1.57 -18.80 10.53
C ALA A 69 -0.23 -18.43 9.93
N GLU A 70 -0.14 -18.53 8.61
CA GLU A 70 1.08 -18.17 7.89
C GLU A 70 0.83 -16.86 7.14
N GLN A 71 -0.44 -16.57 6.88
CA GLN A 71 -0.83 -15.36 6.16
C GLN A 71 -1.95 -14.61 6.87
N VAL A 72 -1.96 -13.30 6.72
CA VAL A 72 -2.99 -12.47 7.33
C VAL A 72 -3.45 -11.39 6.36
N ILE A 73 -4.67 -10.90 6.59
CA ILE A 73 -5.23 -9.82 5.80
C ILE A 73 -5.58 -8.76 6.82
N LEU A 74 -5.04 -7.56 6.63
CA LEU A 74 -5.28 -6.46 7.55
C LEU A 74 -6.37 -5.53 7.03
N THR A 75 -7.27 -5.13 7.91
CA THR A 75 -8.28 -4.15 7.51
C THR A 75 -8.18 -3.00 8.49
N ASP A 76 -8.48 -1.79 8.00
CA ASP A 76 -8.49 -0.59 8.82
C ASP A 76 -7.14 -0.14 9.38
N HIS A 77 -6.05 -0.74 8.91
CA HIS A 77 -4.72 -0.35 9.36
C HIS A 77 -3.66 -0.99 8.50
N ASN A 78 -2.44 -0.45 8.58
CA ASN A 78 -1.30 -0.99 7.85
C ASN A 78 -0.01 -0.87 8.67
N GLU A 79 0.09 0.15 9.51
CA GLU A 79 1.31 0.34 10.32
C GLU A 79 1.54 -0.84 11.25
N PHE A 80 2.72 -1.43 11.17
CA PHE A 80 3.02 -2.61 11.97
C PHE A 80 2.80 -2.47 13.48
N GLN A 81 3.14 -1.32 14.05
CA GLN A 81 2.96 -1.16 15.49
C GLN A 81 1.50 -1.09 15.93
N GLN A 82 0.58 -1.05 14.98
CA GLN A 82 -0.85 -1.01 15.30
C GLN A 82 -1.46 -2.38 15.06
N SER A 83 -0.65 -3.32 14.56
CA SER A 83 -1.14 -4.65 14.22
C SER A 83 -0.87 -5.74 15.26
N VAL A 84 -1.01 -6.99 14.83
CA VAL A 84 -0.76 -8.12 15.72
C VAL A 84 0.72 -8.09 16.14
N ALA A 85 1.00 -8.55 17.34
CA ALA A 85 2.36 -8.53 17.88
C ALA A 85 3.43 -9.10 16.97
N ASP A 86 3.14 -10.23 16.34
CA ASP A 86 4.11 -10.88 15.46
C ASP A 86 3.87 -10.65 13.98
N ILE A 87 3.35 -9.47 13.64
CA ILE A 87 3.07 -9.12 12.25
C ILE A 87 4.30 -9.26 11.35
N ALA A 88 5.49 -9.03 11.90
CA ALA A 88 6.70 -9.14 11.09
C ALA A 88 7.09 -10.58 10.80
N GLU A 89 6.47 -11.52 11.51
CA GLU A 89 6.78 -12.94 11.34
C GLU A 89 5.83 -13.70 10.42
N VAL A 90 4.80 -13.03 9.92
CA VAL A 90 3.84 -13.67 9.04
C VAL A 90 3.74 -12.90 7.74
N GLU A 91 3.17 -13.52 6.72
CA GLU A 91 3.02 -12.83 5.45
C GLU A 91 1.75 -12.01 5.40
N VAL A 92 1.86 -10.78 4.91
CA VAL A 92 0.69 -9.93 4.77
C VAL A 92 0.17 -10.21 3.36
N TYR A 93 -0.91 -10.97 3.30
CA TYR A 93 -1.53 -11.36 2.04
C TYR A 93 -2.25 -10.19 1.40
N GLY A 94 -2.90 -9.38 2.23
CA GLY A 94 -3.63 -8.24 1.71
C GLY A 94 -3.94 -7.19 2.76
N VAL A 95 -4.30 -6.00 2.28
CA VAL A 95 -4.65 -4.88 3.16
C VAL A 95 -5.79 -4.08 2.54
N VAL A 96 -6.79 -3.74 3.35
CA VAL A 96 -7.91 -2.91 2.92
C VAL A 96 -7.91 -1.80 3.96
N ASP A 97 -7.68 -0.56 3.54
CA ASP A 97 -7.58 0.52 4.51
C ASP A 97 -7.91 1.89 3.92
N HIS A 98 -8.07 2.88 4.81
CA HIS A 98 -8.37 4.25 4.42
C HIS A 98 -7.49 5.23 5.20
N HIS A 99 -6.37 4.73 5.73
CA HIS A 99 -5.45 5.56 6.51
C HIS A 99 -4.17 5.84 5.73
N ARG A 100 -3.32 6.69 6.28
CA ARG A 100 -2.04 6.98 5.65
C ARG A 100 -1.19 5.73 5.78
N VAL A 101 -0.16 5.62 4.96
CA VAL A 101 0.72 4.46 5.00
C VAL A 101 2.08 4.80 5.61
N ALA A 102 2.53 3.95 6.52
CA ALA A 102 3.82 4.14 7.16
C ALA A 102 4.15 2.88 7.94
N ASN A 103 5.44 2.68 8.23
CA ASN A 103 5.88 1.53 8.99
C ASN A 103 5.27 0.22 8.48
N PHE A 104 5.24 0.10 7.15
CA PHE A 104 4.67 -1.07 6.50
C PHE A 104 5.59 -1.50 5.36
N GLU A 105 5.98 -2.76 5.37
CA GLU A 105 6.84 -3.26 4.31
C GLU A 105 6.62 -4.76 4.14
N THR A 106 6.88 -5.24 2.93
CA THR A 106 6.73 -6.65 2.63
C THR A 106 7.92 -7.13 1.83
N ALA A 107 8.15 -8.44 1.86
CA ALA A 107 9.25 -9.04 1.11
C ALA A 107 8.72 -9.40 -0.27
N ASN A 108 7.42 -9.69 -0.33
CA ASN A 108 6.76 -10.11 -1.56
C ASN A 108 5.61 -9.21 -1.99
N PRO A 109 5.17 -9.36 -3.25
CA PRO A 109 4.05 -8.56 -3.76
C PRO A 109 2.84 -8.96 -2.91
N LEU A 110 1.80 -8.13 -2.93
CA LEU A 110 0.60 -8.41 -2.15
C LEU A 110 -0.60 -7.66 -2.71
N TYR A 111 -1.75 -7.89 -2.11
CA TYR A 111 -2.99 -7.21 -2.48
C TYR A 111 -3.17 -6.01 -1.55
N MET A 112 -3.49 -4.87 -2.13
CA MET A 112 -3.78 -3.68 -1.33
C MET A 112 -4.90 -2.90 -1.99
N ARG A 113 -5.89 -2.52 -1.20
CA ARG A 113 -7.00 -1.72 -1.70
C ARG A 113 -7.17 -0.60 -0.68
N LEU A 114 -6.62 0.57 -0.98
CA LEU A 114 -6.74 1.72 -0.11
C LEU A 114 -7.45 2.84 -0.85
N GLU A 115 -8.31 3.55 -0.14
CA GLU A 115 -9.04 4.68 -0.70
C GLU A 115 -9.20 5.71 0.41
N PRO A 116 -9.06 7.00 0.08
CA PRO A 116 -9.19 8.08 1.06
C PRO A 116 -10.66 8.40 1.36
N VAL A 117 -11.43 7.37 1.71
CA VAL A 117 -12.84 7.55 2.02
C VAL A 117 -13.10 7.50 3.52
N GLY A 118 -14.38 7.58 3.89
CA GLY A 118 -14.75 7.62 5.30
C GLY A 118 -14.53 6.41 6.20
N SER A 119 -14.50 5.22 5.63
CA SER A 119 -14.29 4.02 6.45
C SER A 119 -13.79 2.88 5.59
N ALA A 120 -13.22 1.87 6.24
CA ALA A 120 -12.74 0.70 5.53
C ALA A 120 -13.97 -0.13 5.15
N SER A 121 -15.00 -0.08 5.99
CA SER A 121 -16.23 -0.82 5.70
C SER A 121 -16.83 -0.36 4.37
N SER A 122 -16.68 0.94 4.07
CA SER A 122 -17.20 1.49 2.82
C SER A 122 -16.52 0.81 1.64
N ILE A 123 -15.20 0.66 1.74
CA ILE A 123 -14.41 0.03 0.68
C ILE A 123 -14.82 -1.43 0.55
N VAL A 124 -14.93 -2.12 1.69
CA VAL A 124 -15.32 -3.52 1.66
C VAL A 124 -16.70 -3.69 1.02
N TYR A 125 -17.65 -2.82 1.36
CA TYR A 125 -18.98 -2.94 0.76
C TYR A 125 -18.92 -2.81 -0.76
N ARG A 126 -18.19 -1.81 -1.24
CA ARG A 126 -18.10 -1.65 -2.68
C ARG A 126 -17.38 -2.83 -3.32
N MET A 127 -16.50 -3.50 -2.58
CA MET A 127 -15.81 -4.67 -3.11
C MET A 127 -16.81 -5.83 -3.23
N PHE A 128 -17.78 -5.90 -2.31
CA PHE A 128 -18.82 -6.93 -2.37
C PHE A 128 -19.55 -6.73 -3.69
N LYS A 129 -19.90 -5.48 -3.98
CA LYS A 129 -20.63 -5.17 -5.21
C LYS A 129 -19.80 -5.47 -6.45
N GLU A 130 -18.51 -5.16 -6.41
CA GLU A 130 -17.62 -5.41 -7.54
C GLU A 130 -17.52 -6.92 -7.82
N HIS A 131 -17.64 -7.74 -6.77
CA HIS A 131 -17.57 -9.18 -6.91
C HIS A 131 -18.93 -9.84 -7.07
N SER A 132 -19.99 -9.04 -7.11
CA SER A 132 -21.34 -9.56 -7.24
C SER A 132 -21.68 -10.55 -6.12
N VAL A 133 -21.32 -10.21 -4.89
CA VAL A 133 -21.62 -11.04 -3.74
C VAL A 133 -22.66 -10.32 -2.88
N ALA A 134 -23.81 -10.97 -2.69
CA ALA A 134 -24.89 -10.39 -1.91
C ALA A 134 -24.50 -10.18 -0.45
N VAL A 135 -24.98 -9.08 0.11
CA VAL A 135 -24.71 -8.71 1.49
C VAL A 135 -25.89 -9.01 2.39
N SER A 136 -25.66 -9.82 3.42
CA SER A 136 -26.70 -10.19 4.37
C SER A 136 -27.03 -9.01 5.28
N LYS A 137 -28.17 -9.11 5.97
CA LYS A 137 -28.57 -8.05 6.87
C LYS A 137 -27.52 -7.78 7.93
N GLU A 138 -26.98 -8.83 8.55
CA GLU A 138 -26.00 -8.65 9.60
C GLU A 138 -24.69 -8.03 9.10
N ILE A 139 -24.23 -8.44 7.92
CA ILE A 139 -23.01 -7.87 7.39
C ILE A 139 -23.25 -6.42 6.99
N ALA A 140 -24.42 -6.13 6.44
CA ALA A 140 -24.76 -4.75 6.07
C ALA A 140 -24.77 -3.91 7.34
N GLY A 141 -25.33 -4.46 8.41
CA GLY A 141 -25.40 -3.74 9.67
C GLY A 141 -24.02 -3.40 10.22
N LEU A 142 -23.12 -4.36 10.19
CA LEU A 142 -21.77 -4.13 10.70
C LEU A 142 -21.00 -3.13 9.84
N MET A 143 -21.14 -3.21 8.51
CA MET A 143 -20.44 -2.26 7.65
C MET A 143 -21.03 -0.87 7.77
N LEU A 144 -22.36 -0.76 7.83
CA LEU A 144 -22.99 0.54 7.98
C LEU A 144 -22.53 1.17 9.29
N SER A 145 -22.45 0.35 10.34
CA SER A 145 -22.02 0.82 11.65
C SER A 145 -20.57 1.32 11.62
N GLY A 146 -19.73 0.64 10.84
CA GLY A 146 -18.35 1.08 10.73
C GLY A 146 -18.29 2.44 10.07
N LEU A 147 -19.10 2.64 9.03
CA LEU A 147 -19.15 3.92 8.32
C LEU A 147 -19.71 5.02 9.22
N ILE A 148 -20.81 4.75 9.90
CA ILE A 148 -21.42 5.74 10.79
C ILE A 148 -20.44 6.11 11.91
N SER A 149 -19.79 5.09 12.45
CA SER A 149 -18.84 5.30 13.54
C SER A 149 -17.67 6.20 13.15
N ASP A 150 -17.04 5.89 12.02
CA ASP A 150 -15.88 6.65 11.57
C ASP A 150 -16.18 8.03 11.00
N THR A 151 -17.42 8.30 10.62
CA THR A 151 -17.76 9.60 10.06
C THR A 151 -18.75 10.39 10.91
N LEU A 152 -19.07 9.85 12.08
CA LEU A 152 -20.03 10.48 13.00
C LEU A 152 -21.34 10.77 12.25
N LEU A 153 -21.88 9.72 11.64
CA LEU A 153 -23.12 9.81 10.87
C LEU A 153 -23.00 10.72 9.66
N LEU A 154 -21.90 10.55 8.92
CA LEU A 154 -21.66 11.27 7.68
C LEU A 154 -21.46 12.78 7.80
N LYS A 155 -20.98 13.26 8.95
CA LYS A 155 -20.75 14.70 9.08
C LYS A 155 -19.28 15.05 9.25
N SER A 156 -18.42 14.04 9.43
CA SER A 156 -17.00 14.29 9.57
C SER A 156 -16.41 14.74 8.23
N PRO A 157 -15.36 15.56 8.26
CA PRO A 157 -14.75 16.00 7.00
C PRO A 157 -14.13 14.86 6.22
N THR A 158 -14.09 13.67 6.81
CA THR A 158 -13.53 12.50 6.13
C THR A 158 -14.61 11.85 5.26
N THR A 159 -15.85 12.30 5.41
CA THR A 159 -16.95 11.73 4.63
C THR A 159 -16.77 12.04 3.15
N HIS A 160 -16.80 10.99 2.33
CA HIS A 160 -16.62 11.10 0.89
C HIS A 160 -17.97 10.98 0.19
N PRO A 161 -18.10 11.56 -1.01
CA PRO A 161 -19.39 11.45 -1.70
C PRO A 161 -19.86 10.01 -1.85
N THR A 162 -18.93 9.10 -2.08
CA THR A 162 -19.30 7.69 -2.23
C THR A 162 -19.83 7.11 -0.92
N ASP A 163 -19.42 7.67 0.21
CA ASP A 163 -19.93 7.20 1.50
C ASP A 163 -21.40 7.59 1.63
N LYS A 164 -21.70 8.83 1.23
CA LYS A 164 -23.06 9.33 1.31
C LYS A 164 -23.98 8.55 0.37
N ALA A 165 -23.41 8.06 -0.73
CA ALA A 165 -24.17 7.30 -1.71
C ALA A 165 -24.55 5.92 -1.18
N ILE A 166 -23.59 5.22 -0.56
CA ILE A 166 -23.86 3.88 -0.05
C ILE A 166 -24.59 3.80 1.29
N ALA A 167 -24.57 4.87 2.08
CA ALA A 167 -25.22 4.84 3.38
C ALA A 167 -26.69 4.43 3.35
N PRO A 168 -27.52 5.08 2.51
CA PRO A 168 -28.93 4.70 2.46
C PRO A 168 -29.14 3.27 2.00
N GLU A 169 -28.28 2.82 1.08
CA GLU A 169 -28.37 1.47 0.55
C GLU A 169 -28.07 0.46 1.65
N LEU A 170 -27.02 0.73 2.42
CA LEU A 170 -26.67 -0.16 3.51
C LEU A 170 -27.74 -0.15 4.59
N ALA A 171 -28.31 1.01 4.87
CA ALA A 171 -29.35 1.10 5.89
C ALA A 171 -30.55 0.24 5.52
N GLU A 172 -30.93 0.26 4.24
CA GLU A 172 -32.06 -0.55 3.81
C GLU A 172 -31.75 -2.03 3.98
N LEU A 173 -30.55 -2.46 3.59
CA LEU A 173 -30.16 -3.85 3.72
C LEU A 173 -30.06 -4.28 5.20
N ALA A 174 -29.69 -3.34 6.05
CA ALA A 174 -29.54 -3.60 7.48
C ALA A 174 -30.89 -3.53 8.20
N GLY A 175 -31.90 -3.02 7.50
CA GLY A 175 -33.22 -2.91 8.09
C GLY A 175 -33.36 -1.82 9.15
N VAL A 176 -32.64 -0.73 8.99
CA VAL A 176 -32.70 0.35 9.97
C VAL A 176 -32.92 1.72 9.34
N ASN A 177 -33.38 2.66 10.17
CA ASN A 177 -33.56 4.04 9.76
C ASN A 177 -32.16 4.61 10.03
N LEU A 178 -31.51 5.11 8.99
CA LEU A 178 -30.16 5.63 9.10
C LEU A 178 -29.90 6.59 10.27
N GLU A 179 -30.70 7.65 10.36
CA GLU A 179 -30.50 8.62 11.43
C GLU A 179 -30.81 8.06 12.82
N GLU A 180 -31.95 7.38 12.94
CA GLU A 180 -32.37 6.81 14.22
C GLU A 180 -31.32 5.83 14.76
N TYR A 181 -30.92 4.88 13.93
CA TYR A 181 -29.93 3.90 14.34
C TYR A 181 -28.58 4.56 14.59
N GLY A 182 -28.17 5.44 13.67
CA GLY A 182 -26.89 6.12 13.81
C GLY A 182 -26.75 6.86 15.12
N LEU A 183 -27.79 7.61 15.50
CA LEU A 183 -27.74 8.36 16.75
C LEU A 183 -27.65 7.41 17.94
N ALA A 184 -28.39 6.31 17.87
CA ALA A 184 -28.39 5.35 18.96
C ALA A 184 -27.03 4.68 19.16
N MET A 185 -26.40 4.22 18.08
CA MET A 185 -25.11 3.57 18.24
C MET A 185 -24.02 4.55 18.65
N LEU A 186 -24.06 5.76 18.12
CA LEU A 186 -23.05 6.74 18.48
C LEU A 186 -23.19 7.11 19.96
N LYS A 187 -24.43 7.22 20.44
CA LYS A 187 -24.66 7.56 21.84
C LYS A 187 -24.12 6.46 22.76
N ALA A 188 -24.24 5.21 22.33
CA ALA A 188 -23.78 4.07 23.12
C ALA A 188 -22.28 4.12 23.41
N GLY A 189 -21.55 4.92 22.65
CA GLY A 189 -20.11 5.01 22.89
C GLY A 189 -19.68 6.24 23.65
N THR A 190 -20.63 6.97 24.25
CA THR A 190 -20.29 8.18 24.99
C THR A 190 -20.36 8.09 26.51
N ASN A 191 -20.55 6.89 27.04
CA ASN A 191 -20.63 6.73 28.50
C ASN A 191 -19.22 6.62 29.09
N LEU A 192 -18.60 7.77 29.33
CA LEU A 192 -17.25 7.81 29.86
C LEU A 192 -17.18 7.84 31.39
N ALA A 193 -18.23 8.33 32.03
CA ALA A 193 -18.25 8.41 33.48
C ALA A 193 -18.03 7.07 34.16
N SER A 194 -18.49 5.99 33.53
CA SER A 194 -18.35 4.66 34.09
C SER A 194 -17.00 3.99 33.81
N LYS A 195 -16.15 4.67 33.04
CA LYS A 195 -14.83 4.12 32.72
C LYS A 195 -13.78 4.71 33.64
N SER A 196 -12.79 3.91 34.02
CA SER A 196 -11.72 4.40 34.87
C SER A 196 -10.84 5.25 33.95
N ALA A 197 -9.99 6.08 34.55
CA ALA A 197 -9.10 6.94 33.77
C ALA A 197 -8.17 6.11 32.90
N GLU A 198 -7.65 5.01 33.46
CA GLU A 198 -6.74 4.16 32.71
C GLU A 198 -7.45 3.48 31.55
N GLU A 199 -8.72 3.16 31.73
CA GLU A 199 -9.48 2.53 30.65
C GLU A 199 -9.78 3.57 29.57
N LEU A 200 -10.25 4.73 30.02
CA LEU A 200 -10.64 5.82 29.13
C LEU A 200 -9.60 6.20 28.08
N ILE A 201 -8.34 6.36 28.49
CA ILE A 201 -7.30 6.76 27.56
C ILE A 201 -6.81 5.65 26.63
N ASP A 202 -7.37 4.46 26.77
CA ASP A 202 -6.96 3.35 25.92
C ASP A 202 -8.14 2.66 25.20
N ILE A 203 -9.29 3.32 25.18
CA ILE A 203 -10.45 2.74 24.50
C ILE A 203 -10.22 2.74 23.00
N ASP A 204 -9.79 3.88 22.48
CA ASP A 204 -9.54 4.06 21.05
C ASP A 204 -8.24 4.83 20.96
N ALA A 205 -7.14 4.11 20.88
CA ALA A 205 -5.83 4.76 20.85
C ALA A 205 -4.87 4.00 19.96
N LYS A 206 -4.09 4.76 19.18
CA LYS A 206 -3.13 4.19 18.26
C LYS A 206 -1.77 4.86 18.40
N THR A 207 -0.72 4.10 18.13
CA THR A 207 0.63 4.64 18.20
C THR A 207 1.09 4.99 16.79
N PHE A 208 1.78 6.13 16.68
CA PHE A 208 2.34 6.58 15.42
C PHE A 208 3.81 6.83 15.69
N GLU A 209 4.67 6.39 14.78
CA GLU A 209 6.10 6.60 14.95
C GLU A 209 6.51 7.79 14.10
N LEU A 210 6.71 8.92 14.75
CA LEU A 210 7.07 10.15 14.05
C LEU A 210 8.54 10.51 14.26
N ASN A 211 9.32 10.31 13.21
CA ASN A 211 10.75 10.60 13.26
C ASN A 211 11.41 9.90 14.44
N GLY A 212 11.12 8.62 14.60
CA GLY A 212 11.69 7.84 15.68
C GLY A 212 11.00 7.96 17.03
N ASN A 213 10.00 8.84 17.12
CA ASN A 213 9.28 9.04 18.37
C ASN A 213 7.93 8.33 18.36
N ASN A 214 7.67 7.54 19.41
CA ASN A 214 6.39 6.84 19.50
C ASN A 214 5.38 7.76 20.18
N VAL A 215 4.46 8.27 19.38
CA VAL A 215 3.42 9.17 19.84
C VAL A 215 2.09 8.43 19.91
N ARG A 216 1.49 8.43 21.08
CA ARG A 216 0.22 7.76 21.29
C ARG A 216 -0.91 8.78 21.09
N VAL A 217 -1.84 8.47 20.20
CA VAL A 217 -2.96 9.39 19.97
C VAL A 217 -4.26 8.65 20.28
N ALA A 218 -4.90 9.07 21.37
CA ALA A 218 -6.16 8.46 21.81
C ALA A 218 -7.32 9.40 21.56
N GLN A 219 -8.51 8.83 21.49
CA GLN A 219 -9.71 9.63 21.26
C GLN A 219 -10.88 9.03 22.00
N VAL A 220 -11.74 9.88 22.54
CA VAL A 220 -12.95 9.43 23.22
C VAL A 220 -14.10 10.29 22.73
N ASN A 221 -15.25 9.67 22.54
CA ASN A 221 -16.45 10.38 22.10
C ASN A 221 -17.23 10.80 23.33
N THR A 222 -17.64 12.05 23.37
CA THR A 222 -18.40 12.57 24.51
C THR A 222 -19.48 13.55 24.07
N VAL A 223 -20.38 13.85 24.99
CA VAL A 223 -21.43 14.82 24.72
C VAL A 223 -21.18 16.04 25.62
N ASP A 224 -20.12 15.98 26.41
CA ASP A 224 -19.78 17.09 27.31
C ASP A 224 -18.29 17.09 27.68
N ILE A 225 -17.51 17.90 26.97
CA ILE A 225 -16.07 18.01 27.19
C ILE A 225 -15.73 18.47 28.61
N ALA A 226 -16.46 19.47 29.10
CA ALA A 226 -16.20 19.99 30.44
C ALA A 226 -16.35 18.92 31.51
N GLU A 227 -17.32 18.03 31.33
CA GLU A 227 -17.54 16.95 32.29
C GLU A 227 -16.32 16.04 32.35
N VAL A 228 -15.76 15.72 31.20
CA VAL A 228 -14.59 14.87 31.14
C VAL A 228 -13.40 15.57 31.81
N LEU A 229 -13.26 16.87 31.54
CA LEU A 229 -12.16 17.64 32.11
C LEU A 229 -12.20 17.75 33.63
N GLU A 230 -13.36 17.48 34.23
CA GLU A 230 -13.45 17.54 35.69
C GLU A 230 -12.53 16.45 36.26
N ARG A 231 -12.26 15.42 35.46
CA ARG A 231 -11.40 14.32 35.88
C ARG A 231 -9.99 14.46 35.33
N GLN A 232 -9.59 15.68 34.96
CA GLN A 232 -8.27 15.87 34.39
C GLN A 232 -7.12 15.33 35.24
N ALA A 233 -7.18 15.49 36.56
CA ALA A 233 -6.10 15.01 37.41
C ALA A 233 -5.88 13.50 37.25
N GLU A 234 -6.93 12.71 37.36
CA GLU A 234 -6.76 11.26 37.22
C GLU A 234 -6.45 10.84 35.79
N ILE A 235 -6.97 11.60 34.82
CA ILE A 235 -6.70 11.28 33.43
C ILE A 235 -5.21 11.54 33.14
N GLU A 236 -4.68 12.65 33.64
CA GLU A 236 -3.26 12.93 33.43
C GLU A 236 -2.39 11.88 34.12
N ALA A 237 -2.83 11.41 35.28
CA ALA A 237 -2.07 10.40 36.01
C ALA A 237 -1.99 9.14 35.15
N ALA A 238 -3.10 8.78 34.52
CA ALA A 238 -3.17 7.61 33.66
C ALA A 238 -2.26 7.81 32.43
N ILE A 239 -2.26 9.02 31.90
CA ILE A 239 -1.42 9.32 30.74
C ILE A 239 0.05 9.21 31.09
N GLU A 240 0.44 9.76 32.24
CA GLU A 240 1.83 9.69 32.66
C GLU A 240 2.26 8.23 32.85
N LYS A 241 1.35 7.43 33.38
CA LYS A 241 1.64 6.01 33.59
C LYS A 241 1.81 5.32 32.23
N ALA A 242 0.94 5.66 31.28
CA ALA A 242 1.01 5.07 29.95
C ALA A 242 2.32 5.45 29.26
N ILE A 243 2.74 6.70 29.41
CA ILE A 243 3.98 7.16 28.82
C ILE A 243 5.15 6.37 29.40
N ALA A 244 5.16 6.20 30.72
CA ALA A 244 6.24 5.47 31.36
C ALA A 244 6.25 3.98 31.01
N ASP A 245 5.08 3.36 31.04
CA ASP A 245 4.94 1.93 30.75
C ASP A 245 5.27 1.54 29.32
N ASN A 246 5.02 2.44 28.38
CA ASN A 246 5.22 2.15 26.96
C ASN A 246 6.36 2.88 26.26
N GLY A 247 7.01 3.79 26.95
CA GLY A 247 8.11 4.54 26.35
C GLY A 247 7.68 5.52 25.28
N TYR A 248 6.47 6.07 25.40
CA TYR A 248 5.98 7.04 24.44
C TYR A 248 6.74 8.34 24.64
N SER A 249 6.96 9.09 23.57
CA SER A 249 7.64 10.37 23.68
C SER A 249 6.57 11.40 24.03
N ASP A 250 5.36 11.17 23.53
CA ASP A 250 4.24 12.08 23.72
C ASP A 250 2.91 11.33 23.71
N PHE A 251 1.91 11.89 24.39
CA PHE A 251 0.58 11.31 24.44
C PHE A 251 -0.41 12.44 24.14
N VAL A 252 -1.24 12.22 23.13
CA VAL A 252 -2.24 13.19 22.72
C VAL A 252 -3.63 12.58 22.86
N LEU A 253 -4.47 13.20 23.68
CA LEU A 253 -5.84 12.72 23.87
C LEU A 253 -6.82 13.69 23.26
N MET A 254 -7.65 13.18 22.37
CA MET A 254 -8.69 13.98 21.72
C MET A 254 -9.98 13.71 22.49
N ILE A 255 -10.54 14.74 23.12
CA ILE A 255 -11.81 14.59 23.84
C ILE A 255 -12.79 15.22 22.85
N THR A 256 -13.45 14.35 22.10
CA THR A 256 -14.34 14.80 21.04
C THR A 256 -15.83 14.90 21.33
N ASP A 257 -16.36 16.12 21.22
CA ASP A 257 -17.77 16.40 21.41
C ASP A 257 -18.39 16.03 20.06
N ILE A 258 -19.00 14.85 19.98
CA ILE A 258 -19.57 14.40 18.71
C ILE A 258 -20.87 15.08 18.31
N ILE A 259 -21.44 15.87 19.20
CA ILE A 259 -22.66 16.58 18.87
C ILE A 259 -22.30 17.88 18.15
N ASN A 260 -21.32 18.59 18.68
CA ASN A 260 -20.90 19.87 18.10
C ASN A 260 -19.67 19.81 17.21
N SER A 261 -19.09 18.62 17.06
CA SER A 261 -17.91 18.42 16.23
C SER A 261 -16.71 19.29 16.59
N ASN A 262 -16.30 19.21 17.86
CA ASN A 262 -15.14 19.94 18.36
C ASN A 262 -14.39 18.98 19.24
N SER A 263 -13.11 19.25 19.46
CA SER A 263 -12.30 18.40 20.33
C SER A 263 -11.41 19.24 21.21
N GLU A 264 -11.23 18.77 22.44
CA GLU A 264 -10.31 19.42 23.35
C GLU A 264 -9.09 18.53 23.19
N ILE A 265 -7.91 19.12 23.10
CA ILE A 265 -6.69 18.34 22.97
C ILE A 265 -5.95 18.42 24.29
N LEU A 266 -5.71 17.25 24.89
CA LEU A 266 -4.97 17.17 26.14
C LEU A 266 -3.69 16.44 25.76
N ALA A 267 -2.54 17.12 25.88
CA ALA A 267 -1.28 16.51 25.50
C ALA A 267 -0.21 16.65 26.57
N ILE A 268 0.59 15.59 26.71
CA ILE A 268 1.69 15.55 27.66
C ILE A 268 2.86 14.85 27.00
N GLY A 269 4.06 15.40 27.13
CA GLY A 269 5.20 14.76 26.51
C GLY A 269 6.44 15.63 26.41
N SER A 270 7.44 15.13 25.68
CA SER A 270 8.70 15.83 25.49
C SER A 270 8.72 16.74 24.28
N ASN A 271 7.66 16.72 23.49
CA ASN A 271 7.61 17.55 22.29
C ASN A 271 6.35 18.39 22.17
N MET A 272 5.97 19.06 23.25
CA MET A 272 4.77 19.89 23.22
C MET A 272 4.93 21.05 22.24
N ASP A 273 6.16 21.45 21.96
CA ASP A 273 6.35 22.54 21.02
C ASP A 273 5.89 22.08 19.63
N LYS A 274 6.13 20.81 19.33
CA LYS A 274 5.73 20.25 18.04
C LYS A 274 4.21 20.07 17.97
N VAL A 275 3.60 19.78 19.12
CA VAL A 275 2.16 19.61 19.16
C VAL A 275 1.48 20.96 18.95
N GLU A 276 2.02 22.01 19.59
CA GLU A 276 1.45 23.34 19.44
C GLU A 276 1.61 23.84 18.01
N ALA A 277 2.71 23.49 17.37
CA ALA A 277 2.95 23.91 16.00
C ALA A 277 1.97 23.21 15.06
N ALA A 278 1.70 21.94 15.34
CA ALA A 278 0.79 21.17 14.51
C ALA A 278 -0.64 21.70 14.52
N PHE A 279 -1.10 22.14 15.69
CA PHE A 279 -2.45 22.64 15.85
C PHE A 279 -2.57 24.16 15.85
N ASN A 280 -1.44 24.85 15.78
CA ASN A 280 -1.42 26.30 15.78
C ASN A 280 -2.14 26.88 17.00
N PHE A 281 -1.90 26.31 18.17
CA PHE A 281 -2.50 26.83 19.39
C PHE A 281 -1.51 26.81 20.55
N VAL A 282 -1.97 27.25 21.71
CA VAL A 282 -1.14 27.27 22.89
C VAL A 282 -1.78 26.45 24.00
N LEU A 283 -1.07 25.46 24.49
CA LEU A 283 -1.56 24.61 25.55
C LEU A 283 -1.52 25.33 26.89
N GLU A 284 -2.64 25.30 27.60
CA GLU A 284 -2.71 25.91 28.92
C GLU A 284 -3.12 24.75 29.83
N ASN A 285 -2.33 24.50 30.87
CA ASN A 285 -2.63 23.39 31.77
C ASN A 285 -2.73 22.10 30.97
N ASN A 286 -1.86 21.99 29.97
CA ASN A 286 -1.75 20.82 29.10
C ASN A 286 -2.87 20.59 28.10
N HIS A 287 -3.77 21.55 27.93
CA HIS A 287 -4.84 21.35 26.95
C HIS A 287 -5.29 22.62 26.25
N ALA A 288 -5.99 22.43 25.13
CA ALA A 288 -6.49 23.55 24.35
C ALA A 288 -7.67 23.08 23.52
N PHE A 289 -8.55 24.01 23.19
CA PHE A 289 -9.75 23.71 22.40
C PHE A 289 -9.46 23.78 20.91
N LEU A 290 -9.97 22.79 20.16
CA LEU A 290 -9.76 22.76 18.72
C LEU A 290 -11.11 22.65 18.02
N ALA A 291 -11.66 23.80 17.64
CA ALA A 291 -12.95 23.85 16.97
C ALA A 291 -12.97 23.08 15.66
N GLY A 292 -14.04 22.32 15.45
CA GLY A 292 -14.20 21.56 14.23
C GLY A 292 -13.41 20.27 14.10
N ALA A 293 -12.52 20.00 15.06
CA ALA A 293 -11.71 18.80 14.99
C ALA A 293 -12.42 17.56 15.50
N VAL A 294 -12.50 16.54 14.64
CA VAL A 294 -13.15 15.28 15.01
C VAL A 294 -12.39 14.08 14.44
N SER A 295 -11.53 14.33 13.45
CA SER A 295 -10.79 13.27 12.78
C SER A 295 -9.31 13.14 13.08
N ARG A 296 -8.91 11.98 13.57
CA ARG A 296 -7.51 11.73 13.86
C ARG A 296 -6.72 11.65 12.55
N LYS A 297 -7.22 10.88 11.58
CA LYS A 297 -6.50 10.73 10.31
C LYS A 297 -6.42 11.97 9.42
N LYS A 298 -7.38 12.88 9.56
CA LYS A 298 -7.38 14.08 8.72
C LYS A 298 -6.97 15.36 9.43
N GLN A 299 -7.26 15.46 10.72
CA GLN A 299 -6.97 16.67 11.48
C GLN A 299 -5.90 16.59 12.56
N VAL A 300 -5.30 15.41 12.73
CA VAL A 300 -4.25 15.25 13.74
C VAL A 300 -2.97 14.63 13.18
N VAL A 301 -3.10 13.46 12.57
CA VAL A 301 -1.94 12.75 12.05
C VAL A 301 -1.12 13.47 10.98
N PRO A 302 -1.77 14.05 9.96
CA PRO A 302 -0.95 14.74 8.95
C PRO A 302 -0.18 15.92 9.56
N GLN A 303 -0.85 16.64 10.44
CA GLN A 303 -0.27 17.81 11.08
C GLN A 303 0.89 17.45 12.01
N LEU A 304 0.74 16.38 12.79
CA LEU A 304 1.80 15.95 13.69
C LEU A 304 2.96 15.37 12.88
N THR A 305 2.64 14.68 11.78
CA THR A 305 3.66 14.10 10.93
C THR A 305 4.56 15.23 10.40
N GLU A 306 3.94 16.31 9.95
CA GLU A 306 4.68 17.45 9.43
C GLU A 306 5.49 18.17 10.50
N SER A 307 4.87 18.43 11.65
CA SER A 307 5.58 19.15 12.72
C SER A 307 6.74 18.37 13.30
N PHE A 308 6.62 17.05 13.40
CA PHE A 308 7.69 16.24 13.96
C PHE A 308 8.86 16.07 12.98
N ASN A 309 8.60 16.31 11.70
CA ASN A 309 9.64 16.18 10.69
C ASN A 309 10.21 17.54 10.28
N ALA A 310 9.67 18.60 10.85
CA ALA A 310 10.14 19.96 10.53
C ALA A 310 11.47 20.23 11.23
N SER B 1 -3.10 22.43 -11.36
CA SER B 1 -1.87 21.73 -11.82
C SER B 1 -2.20 20.29 -12.19
N LYS B 2 -1.58 19.80 -13.25
CA LYS B 2 -1.82 18.43 -13.69
C LYS B 2 -1.20 17.42 -12.74
N ILE B 3 -1.86 16.28 -12.59
CA ILE B 3 -1.36 15.21 -11.73
C ILE B 3 -0.49 14.36 -12.64
N LEU B 4 0.80 14.28 -12.32
CA LEU B 4 1.74 13.50 -13.13
C LEU B 4 1.62 12.01 -12.82
N VAL B 5 1.59 11.21 -13.87
CA VAL B 5 1.49 9.76 -13.75
C VAL B 5 2.75 9.17 -14.36
N PHE B 6 3.50 8.40 -13.58
CA PHE B 6 4.74 7.83 -14.10
C PHE B 6 5.22 6.57 -13.40
N GLY B 7 6.03 5.81 -14.14
CA GLY B 7 6.62 4.60 -13.61
C GLY B 7 7.98 4.92 -13.01
N HIS B 8 8.72 3.89 -12.64
CA HIS B 8 10.04 4.05 -12.02
C HIS B 8 11.17 4.48 -12.93
N GLN B 9 12.31 4.78 -12.31
CA GLN B 9 13.53 5.15 -13.03
C GLN B 9 13.87 3.93 -13.88
N ASN B 10 14.52 4.13 -15.02
CA ASN B 10 14.85 3.04 -15.92
C ASN B 10 13.55 2.29 -16.23
N PRO B 11 12.54 3.01 -16.71
CA PRO B 11 11.26 2.36 -17.01
C PRO B 11 11.36 1.24 -18.03
N ASP B 12 10.56 0.20 -17.83
CA ASP B 12 10.50 -0.91 -18.76
C ASP B 12 9.18 -0.81 -19.51
N SER B 13 8.84 -1.80 -20.32
CA SER B 13 7.61 -1.74 -21.08
C SER B 13 6.37 -1.60 -20.22
N ASP B 14 6.31 -2.33 -19.10
CA ASP B 14 5.14 -2.24 -18.24
C ASP B 14 5.05 -0.86 -17.57
N ALA B 15 6.19 -0.30 -17.18
CA ALA B 15 6.18 1.02 -16.55
C ALA B 15 5.62 2.06 -17.50
N ILE B 16 6.07 2.03 -18.75
CA ILE B 16 5.60 2.98 -19.76
C ILE B 16 4.15 2.71 -20.11
N GLY B 17 3.82 1.44 -20.37
CA GLY B 17 2.46 1.10 -20.74
C GLY B 17 1.43 1.38 -19.65
N SER B 18 1.74 1.02 -18.42
CA SER B 18 0.79 1.22 -17.33
C SER B 18 0.57 2.69 -17.00
N SER B 19 1.62 3.51 -17.07
CA SER B 19 1.45 4.94 -16.77
C SER B 19 0.70 5.65 -17.89
N TYR B 20 1.00 5.30 -19.13
CA TYR B 20 0.33 5.90 -20.28
C TYR B 20 -1.16 5.56 -20.22
N ALA B 21 -1.45 4.28 -20.02
CA ALA B 21 -2.83 3.81 -19.96
C ALA B 21 -3.60 4.34 -18.77
N PHE B 22 -2.98 4.35 -17.59
CA PHE B 22 -3.70 4.84 -16.41
C PHE B 22 -3.96 6.34 -16.46
N ALA B 23 -3.04 7.10 -17.05
CA ALA B 23 -3.24 8.54 -17.14
C ALA B 23 -4.54 8.78 -17.91
N TYR B 24 -4.74 8.00 -18.97
CA TYR B 24 -5.95 8.13 -19.79
C TYR B 24 -7.19 7.67 -19.02
N LEU B 25 -7.09 6.53 -18.34
CA LEU B 25 -8.22 6.01 -17.58
C LEU B 25 -8.64 6.99 -16.49
N ALA B 26 -7.67 7.56 -15.78
CA ALA B 26 -7.97 8.50 -14.71
C ALA B 26 -8.71 9.74 -15.21
N ARG B 27 -8.41 10.15 -16.45
CA ARG B 27 -9.08 11.31 -17.04
C ARG B 27 -10.51 10.96 -17.39
N GLU B 28 -10.68 9.85 -18.10
CA GLU B 28 -12.00 9.41 -18.53
C GLU B 28 -12.93 8.89 -17.44
N ALA B 29 -12.40 8.09 -16.52
CA ALA B 29 -13.22 7.52 -15.47
C ALA B 29 -13.34 8.34 -14.18
N TYR B 30 -12.27 9.04 -13.82
CA TYR B 30 -12.28 9.81 -12.59
C TYR B 30 -12.29 11.33 -12.78
N GLY B 31 -12.23 11.76 -14.03
CA GLY B 31 -12.23 13.19 -14.32
C GLY B 31 -11.03 13.93 -13.79
N LEU B 32 -9.91 13.23 -13.64
CA LEU B 32 -8.70 13.85 -13.12
C LEU B 32 -7.89 14.48 -14.25
N ASP B 33 -7.20 15.57 -13.94
CA ASP B 33 -6.37 16.29 -14.90
C ASP B 33 -4.97 15.68 -14.86
N THR B 34 -4.82 14.54 -15.51
CA THR B 34 -3.54 13.83 -15.51
C THR B 34 -2.70 14.02 -16.76
N GLU B 35 -1.43 13.64 -16.63
CA GLU B 35 -0.48 13.69 -17.73
C GLU B 35 0.54 12.59 -17.49
N ALA B 36 0.68 11.71 -18.46
CA ALA B 36 1.65 10.63 -18.36
C ALA B 36 3.02 11.19 -18.72
N VAL B 37 4.02 10.86 -17.91
CA VAL B 37 5.39 11.28 -18.15
C VAL B 37 6.27 10.10 -17.79
N ALA B 38 7.57 10.22 -18.06
CA ALA B 38 8.49 9.14 -17.76
C ALA B 38 9.74 9.67 -17.06
N LEU B 39 10.49 8.77 -16.44
CA LEU B 39 11.70 9.16 -15.73
C LEU B 39 12.93 8.76 -16.53
N GLY B 40 12.70 8.16 -17.70
CA GLY B 40 13.79 7.75 -18.55
C GLY B 40 13.31 7.45 -19.96
N GLU B 41 14.27 7.31 -20.88
CA GLU B 41 13.95 6.99 -22.27
C GLU B 41 13.57 5.52 -22.36
N PRO B 42 12.77 5.14 -23.37
CA PRO B 42 12.38 3.73 -23.47
C PRO B 42 13.60 2.89 -23.83
N ASN B 43 13.67 1.66 -23.34
CA ASN B 43 14.81 0.87 -23.75
C ASN B 43 14.38 0.16 -25.05
N GLU B 44 15.23 -0.68 -25.60
CA GLU B 44 14.95 -1.33 -26.88
C GLU B 44 13.62 -2.07 -27.04
N GLU B 45 13.24 -2.86 -26.04
CA GLU B 45 11.99 -3.60 -26.14
C GLU B 45 10.82 -2.64 -26.23
N THR B 46 10.80 -1.63 -25.37
CA THR B 46 9.72 -0.66 -25.37
C THR B 46 9.72 0.18 -26.65
N ALA B 47 10.91 0.46 -27.18
CA ALA B 47 11.00 1.23 -28.41
C ALA B 47 10.26 0.48 -29.52
N PHE B 48 10.41 -0.84 -29.51
CA PHE B 48 9.74 -1.70 -30.49
C PHE B 48 8.23 -1.59 -30.32
N VAL B 49 7.78 -1.63 -29.07
CA VAL B 49 6.35 -1.53 -28.75
C VAL B 49 5.77 -0.20 -29.23
N LEU B 50 6.43 0.89 -28.88
CA LEU B 50 5.95 2.22 -29.25
C LEU B 50 5.90 2.40 -30.76
N ASP B 51 6.90 1.88 -31.46
CA ASP B 51 6.92 1.99 -32.91
C ASP B 51 5.83 1.12 -33.54
N TYR B 52 5.61 -0.06 -32.95
CA TYR B 52 4.61 -0.98 -33.49
C TYR B 52 3.20 -0.41 -33.43
N PHE B 53 2.87 0.27 -32.34
CA PHE B 53 1.53 0.84 -32.20
C PHE B 53 1.44 2.32 -32.50
N GLY B 54 2.54 2.91 -32.92
CA GLY B 54 2.56 4.32 -33.28
C GLY B 54 2.28 5.29 -32.14
N VAL B 55 2.93 5.07 -31.00
CA VAL B 55 2.76 5.92 -29.84
C VAL B 55 4.08 6.59 -29.48
N ALA B 56 4.04 7.89 -29.22
CA ALA B 56 5.24 8.62 -28.84
C ALA B 56 5.60 8.30 -27.39
N ALA B 57 6.89 8.19 -27.10
CA ALA B 57 7.33 7.90 -25.75
C ALA B 57 6.95 9.08 -24.85
N PRO B 58 6.45 8.80 -23.64
CA PRO B 58 6.08 9.89 -22.74
C PRO B 58 7.31 10.76 -22.47
N ARG B 59 7.11 12.07 -22.38
CA ARG B 59 8.23 12.98 -22.14
C ARG B 59 8.92 12.67 -20.82
N VAL B 60 10.23 12.87 -20.81
CA VAL B 60 11.03 12.60 -19.61
C VAL B 60 11.14 13.83 -18.72
N ILE B 61 10.92 13.62 -17.43
CA ILE B 61 11.05 14.69 -16.44
C ILE B 61 12.10 14.28 -15.43
N THR B 62 12.60 15.25 -14.67
CA THR B 62 13.60 15.00 -13.64
C THR B 62 13.15 15.54 -12.29
N SER B 63 12.18 16.46 -12.31
CA SER B 63 11.67 17.05 -11.08
C SER B 63 10.17 17.32 -11.17
N ALA B 64 9.41 16.68 -10.29
CA ALA B 64 7.96 16.86 -10.29
C ALA B 64 7.63 18.33 -9.97
N LYS B 65 8.37 18.91 -9.04
CA LYS B 65 8.16 20.29 -8.65
C LYS B 65 8.47 21.26 -9.80
N ALA B 66 9.51 20.96 -10.58
CA ALA B 66 9.88 21.80 -11.70
C ALA B 66 8.78 21.83 -12.75
N GLU B 67 7.97 20.78 -12.80
CA GLU B 67 6.86 20.67 -13.76
C GLU B 67 5.65 21.44 -13.23
N GLY B 68 5.73 21.86 -11.97
CA GLY B 68 4.63 22.60 -11.37
C GLY B 68 3.60 21.68 -10.73
N ALA B 69 3.92 20.40 -10.61
CA ALA B 69 2.99 19.45 -10.02
C ALA B 69 2.97 19.49 -8.49
N GLU B 70 1.82 19.17 -7.94
CA GLU B 70 1.65 19.13 -6.49
C GLU B 70 1.28 17.70 -6.09
N GLN B 71 0.73 16.95 -7.05
CA GLN B 71 0.32 15.56 -6.81
C GLN B 71 0.79 14.64 -7.92
N VAL B 72 1.07 13.40 -7.57
CA VAL B 72 1.52 12.39 -8.53
C VAL B 72 0.84 11.05 -8.29
N ILE B 73 0.82 10.23 -9.33
CA ILE B 73 0.27 8.89 -9.27
C ILE B 73 1.39 8.01 -9.79
N LEU B 74 1.81 7.05 -8.97
CA LEU B 74 2.88 6.15 -9.34
C LEU B 74 2.34 4.83 -9.87
N THR B 75 2.93 4.34 -10.95
CA THR B 75 2.55 3.03 -11.45
C THR B 75 3.81 2.19 -11.53
N ASP B 76 3.64 0.89 -11.34
CA ASP B 76 4.74 -0.07 -11.43
C ASP B 76 5.84 0.09 -10.38
N HIS B 77 5.60 0.92 -9.36
CA HIS B 77 6.58 1.08 -8.29
C HIS B 77 5.97 1.84 -7.13
N ASN B 78 6.64 1.77 -5.97
CA ASN B 78 6.21 2.49 -4.79
C ASN B 78 7.41 2.97 -3.97
N GLU B 79 8.51 2.23 -4.02
CA GLU B 79 9.69 2.62 -3.24
C GLU B 79 10.24 3.97 -3.68
N PHE B 80 10.35 4.89 -2.74
CA PHE B 80 10.81 6.24 -3.04
C PHE B 80 12.12 6.34 -3.80
N GLN B 81 13.09 5.48 -3.48
CA GLN B 81 14.37 5.58 -4.18
C GLN B 81 14.31 5.13 -5.64
N GLN B 82 13.18 4.59 -6.06
CA GLN B 82 12.99 4.14 -7.45
C GLN B 82 12.16 5.17 -8.21
N SER B 83 11.72 6.20 -7.51
CA SER B 83 10.85 7.22 -8.10
C SER B 83 11.56 8.51 -8.51
N VAL B 84 10.78 9.56 -8.74
CA VAL B 84 11.33 10.84 -9.13
C VAL B 84 12.15 11.39 -7.96
N ALA B 85 13.21 12.12 -8.27
CA ALA B 85 14.11 12.64 -7.25
C ALA B 85 13.45 13.39 -6.09
N ASP B 86 12.46 14.23 -6.40
CA ASP B 86 11.78 15.00 -5.37
C ASP B 86 10.42 14.44 -4.97
N ILE B 87 10.31 13.11 -4.96
CA ILE B 87 9.08 12.44 -4.59
C ILE B 87 8.62 12.82 -3.18
N ALA B 88 9.57 13.12 -2.30
CA ALA B 88 9.23 13.47 -0.94
C ALA B 88 8.59 14.86 -0.84
N GLU B 89 8.71 15.66 -1.89
CA GLU B 89 8.18 17.02 -1.91
C GLU B 89 6.81 17.17 -2.54
N VAL B 90 6.23 16.07 -3.01
CA VAL B 90 4.91 16.12 -3.62
C VAL B 90 4.00 15.11 -2.95
N GLU B 91 2.70 15.27 -3.15
CA GLU B 91 1.75 14.33 -2.55
C GLU B 91 1.52 13.15 -3.47
N VAL B 92 1.54 11.94 -2.90
CA VAL B 92 1.29 10.75 -3.69
C VAL B 92 -0.22 10.55 -3.61
N TYR B 93 -0.89 10.87 -4.71
CA TYR B 93 -2.34 10.78 -4.81
C TYR B 93 -2.78 9.33 -4.90
N GLY B 94 -2.02 8.53 -5.63
CA GLY B 94 -2.37 7.13 -5.79
C GLY B 94 -1.22 6.29 -6.30
N VAL B 95 -1.39 4.98 -6.18
CA VAL B 95 -0.40 4.00 -6.62
C VAL B 95 -1.08 2.78 -7.21
N VAL B 96 -0.59 2.33 -8.36
CA VAL B 96 -1.08 1.11 -9.02
C VAL B 96 0.20 0.30 -9.19
N ASP B 97 0.29 -0.84 -8.54
CA ASP B 97 1.53 -1.61 -8.60
C ASP B 97 1.33 -3.11 -8.34
N HIS B 98 2.38 -3.89 -8.60
CA HIS B 98 2.37 -5.33 -8.37
C HIS B 98 3.67 -5.79 -7.72
N HIS B 99 4.36 -4.86 -7.06
CA HIS B 99 5.62 -5.16 -6.38
C HIS B 99 5.48 -5.16 -4.87
N ARG B 100 6.54 -5.56 -4.18
CA ARG B 100 6.53 -5.55 -2.72
C ARG B 100 6.56 -4.09 -2.30
N VAL B 101 6.12 -3.82 -1.08
CA VAL B 101 6.09 -2.43 -0.59
C VAL B 101 7.20 -2.18 0.42
N ALA B 102 7.88 -1.06 0.26
CA ALA B 102 8.95 -0.66 1.17
C ALA B 102 9.33 0.77 0.86
N ASN B 103 9.94 1.44 1.84
CA ASN B 103 10.39 2.82 1.68
C ASN B 103 9.32 3.68 1.03
N PHE B 104 8.10 3.53 1.53
CA PHE B 104 6.95 4.27 1.04
C PHE B 104 6.11 4.73 2.21
N GLU B 105 5.85 6.03 2.29
CA GLU B 105 5.04 6.55 3.39
C GLU B 105 4.33 7.83 2.97
N THR B 106 3.20 8.07 3.61
CA THR B 106 2.41 9.27 3.32
C THR B 106 1.94 9.89 4.63
N ALA B 107 1.61 11.17 4.57
CA ALA B 107 1.12 11.88 5.74
C ALA B 107 -0.41 11.75 5.76
N ASN B 108 -0.97 11.57 4.57
CA ASN B 108 -2.43 11.48 4.39
C ASN B 108 -2.90 10.20 3.73
N PRO B 109 -4.21 9.91 3.86
CA PRO B 109 -4.76 8.71 3.23
C PRO B 109 -4.56 8.87 1.71
N LEU B 110 -4.62 7.77 0.98
CA LEU B 110 -4.44 7.83 -0.47
C LEU B 110 -5.11 6.63 -1.14
N TYR B 111 -5.04 6.62 -2.46
CA TYR B 111 -5.58 5.53 -3.26
C TYR B 111 -4.45 4.57 -3.55
N MET B 112 -4.69 3.28 -3.37
CA MET B 112 -3.70 2.27 -3.69
C MET B 112 -4.42 1.06 -4.24
N ARG B 113 -3.92 0.56 -5.36
CA ARG B 113 -4.47 -0.63 -5.98
C ARG B 113 -3.27 -1.50 -6.31
N LEU B 114 -2.96 -2.44 -5.43
CA LEU B 114 -1.86 -3.37 -5.65
C LEU B 114 -2.41 -4.78 -5.73
N GLU B 115 -1.86 -5.56 -6.66
CA GLU B 115 -2.27 -6.95 -6.82
C GLU B 115 -1.02 -7.74 -7.19
N PRO B 116 -0.86 -8.94 -6.63
CA PRO B 116 0.31 -9.76 -6.94
C PRO B 116 0.15 -10.51 -8.26
N VAL B 117 -0.12 -9.75 -9.32
CA VAL B 117 -0.30 -10.32 -10.64
C VAL B 117 0.93 -10.07 -11.51
N GLY B 118 0.86 -10.51 -12.77
CA GLY B 118 1.99 -10.38 -13.68
C GLY B 118 2.49 -9.02 -14.09
N SER B 119 1.62 -8.02 -14.15
CA SER B 119 2.05 -6.69 -14.55
C SER B 119 1.09 -5.63 -14.02
N ALA B 120 1.55 -4.38 -13.98
CA ALA B 120 0.70 -3.29 -13.54
C ALA B 120 -0.31 -3.01 -14.65
N SER B 121 0.11 -3.24 -15.89
CA SER B 121 -0.78 -3.03 -17.03
C SER B 121 -2.01 -3.92 -16.92
N SER B 122 -1.83 -5.11 -16.35
CA SER B 122 -2.94 -6.03 -16.17
C SER B 122 -3.99 -5.43 -15.26
N ILE B 123 -3.52 -4.80 -14.18
CA ILE B 123 -4.42 -4.17 -13.23
C ILE B 123 -5.14 -3.01 -13.90
N VAL B 124 -4.39 -2.18 -14.62
CA VAL B 124 -4.99 -1.05 -15.31
C VAL B 124 -6.06 -1.49 -16.31
N TYR B 125 -5.77 -2.51 -17.11
CA TYR B 125 -6.74 -2.98 -18.08
C TYR B 125 -8.03 -3.45 -17.40
N ARG B 126 -7.90 -4.18 -16.30
CA ARG B 126 -9.10 -4.64 -15.62
C ARG B 126 -9.88 -3.49 -15.02
N MET B 127 -9.18 -2.38 -14.73
CA MET B 127 -9.86 -1.20 -14.19
C MET B 127 -10.64 -0.54 -15.34
N PHE B 128 -10.12 -0.61 -16.56
CA PHE B 128 -10.80 -0.05 -17.71
C PHE B 128 -12.14 -0.76 -17.84
N LYS B 129 -12.11 -2.09 -17.72
CA LYS B 129 -13.31 -2.89 -17.84
C LYS B 129 -14.32 -2.61 -16.73
N GLU B 130 -13.86 -2.51 -15.50
CA GLU B 130 -14.77 -2.26 -14.38
C GLU B 130 -15.44 -0.90 -14.48
N HIS B 131 -14.79 0.06 -15.13
CA HIS B 131 -15.36 1.40 -15.28
C HIS B 131 -16.00 1.56 -16.66
N SER B 132 -16.07 0.47 -17.41
CA SER B 132 -16.66 0.50 -18.74
C SER B 132 -16.07 1.57 -19.66
N VAL B 133 -14.75 1.70 -19.63
CA VAL B 133 -14.07 2.69 -20.48
C VAL B 133 -13.48 1.95 -21.67
N ALA B 134 -13.84 2.40 -22.87
CA ALA B 134 -13.35 1.77 -24.09
C ALA B 134 -11.83 1.78 -24.19
N VAL B 135 -11.26 0.69 -24.68
CA VAL B 135 -9.82 0.56 -24.84
C VAL B 135 -9.43 0.65 -26.32
N SER B 136 -8.68 1.68 -26.66
CA SER B 136 -8.25 1.89 -28.05
C SER B 136 -7.21 0.85 -28.43
N LYS B 137 -6.95 0.73 -29.72
CA LYS B 137 -5.96 -0.22 -30.21
C LYS B 137 -4.58 0.11 -29.63
N GLU B 138 -4.23 1.39 -29.62
CA GLU B 138 -2.94 1.84 -29.11
C GLU B 138 -2.77 1.52 -27.62
N ILE B 139 -3.78 1.84 -26.82
CA ILE B 139 -3.68 1.57 -25.39
C ILE B 139 -3.69 0.06 -25.12
N ALA B 140 -4.45 -0.69 -25.90
CA ALA B 140 -4.47 -2.14 -25.73
C ALA B 140 -3.07 -2.68 -26.04
N GLY B 141 -2.47 -2.16 -27.10
CA GLY B 141 -1.14 -2.60 -27.49
C GLY B 141 -0.10 -2.35 -26.41
N LEU B 142 -0.13 -1.16 -25.81
CA LEU B 142 0.84 -0.85 -24.76
C LEU B 142 0.61 -1.68 -23.50
N MET B 143 -0.64 -1.90 -23.11
CA MET B 143 -0.91 -2.70 -21.92
C MET B 143 -0.57 -4.16 -22.18
N LEU B 144 -0.92 -4.67 -23.37
CA LEU B 144 -0.60 -6.05 -23.71
C LEU B 144 0.91 -6.25 -23.66
N SER B 145 1.65 -5.29 -24.21
CA SER B 145 3.10 -5.37 -24.22
C SER B 145 3.69 -5.37 -22.81
N GLY B 146 3.11 -4.58 -21.91
CA GLY B 146 3.58 -4.54 -20.54
C GLY B 146 3.41 -5.92 -19.91
N LEU B 147 2.25 -6.53 -20.14
CA LEU B 147 1.96 -7.86 -19.61
C LEU B 147 2.90 -8.91 -20.19
N ILE B 148 3.06 -8.92 -21.51
CA ILE B 148 3.94 -9.88 -22.16
C ILE B 148 5.37 -9.71 -21.67
N SER B 149 5.79 -8.45 -21.57
CA SER B 149 7.14 -8.12 -21.13
C SER B 149 7.45 -8.65 -19.73
N ASP B 150 6.57 -8.34 -18.78
CA ASP B 150 6.77 -8.74 -17.39
C ASP B 150 6.59 -10.22 -17.09
N THR B 151 5.86 -10.95 -17.94
CA THR B 151 5.64 -12.37 -17.71
C THR B 151 6.31 -13.26 -18.75
N LEU B 152 7.10 -12.68 -19.65
CA LEU B 152 7.77 -13.44 -20.71
C LEU B 152 6.74 -14.27 -21.46
N LEU B 153 5.69 -13.60 -21.93
CA LEU B 153 4.60 -14.24 -22.67
C LEU B 153 3.84 -15.26 -21.84
N LEU B 154 3.50 -14.87 -20.62
CA LEU B 154 2.72 -15.69 -19.71
C LEU B 154 3.34 -17.00 -19.21
N LYS B 155 4.67 -17.06 -19.15
CA LYS B 155 5.30 -18.29 -18.66
C LYS B 155 6.08 -18.08 -17.38
N SER B 156 6.22 -16.82 -16.96
CA SER B 156 6.94 -16.53 -15.72
C SER B 156 6.08 -17.00 -14.55
N PRO B 157 6.72 -17.35 -13.42
CA PRO B 157 5.94 -17.80 -12.26
C PRO B 157 5.11 -16.66 -11.66
N THR B 158 5.31 -15.45 -12.15
CA THR B 158 4.54 -14.31 -11.66
C THR B 158 3.21 -14.22 -12.40
N THR B 159 3.05 -15.04 -13.45
CA THR B 159 1.81 -15.03 -14.23
C THR B 159 0.65 -15.53 -13.39
N HIS B 160 -0.40 -14.72 -13.32
CA HIS B 160 -1.60 -15.02 -12.55
C HIS B 160 -2.70 -15.50 -13.50
N PRO B 161 -3.64 -16.33 -13.01
CA PRO B 161 -4.69 -16.80 -13.90
C PRO B 161 -5.42 -15.65 -14.61
N THR B 162 -5.58 -14.52 -13.92
CA THR B 162 -6.25 -13.38 -14.52
C THR B 162 -5.45 -12.81 -15.69
N ASP B 163 -4.13 -12.96 -15.65
CA ASP B 163 -3.29 -12.47 -16.74
C ASP B 163 -3.53 -13.31 -17.98
N LYS B 164 -3.66 -14.62 -17.79
CA LYS B 164 -3.89 -15.52 -18.90
C LYS B 164 -5.26 -15.26 -19.53
N ALA B 165 -6.20 -14.83 -18.70
CA ALA B 165 -7.55 -14.54 -19.18
C ALA B 165 -7.60 -13.26 -20.03
N ILE B 166 -6.91 -12.22 -19.59
CA ILE B 166 -6.94 -10.96 -20.32
C ILE B 166 -6.02 -10.85 -21.53
N ALA B 167 -4.94 -11.64 -21.58
CA ALA B 167 -4.01 -11.57 -22.71
C ALA B 167 -4.67 -11.67 -24.08
N PRO B 168 -5.52 -12.69 -24.29
CA PRO B 168 -6.17 -12.81 -25.60
C PRO B 168 -7.14 -11.67 -25.88
N GLU B 169 -7.75 -11.11 -24.83
CA GLU B 169 -8.68 -10.00 -24.99
C GLU B 169 -7.90 -8.78 -25.50
N LEU B 170 -6.74 -8.54 -24.88
CA LEU B 170 -5.90 -7.41 -25.24
C LEU B 170 -5.31 -7.60 -26.64
N ALA B 171 -4.95 -8.83 -26.98
CA ALA B 171 -4.40 -9.12 -28.31
C ALA B 171 -5.44 -8.79 -29.37
N GLU B 172 -6.69 -9.15 -29.09
CA GLU B 172 -7.77 -8.88 -30.03
C GLU B 172 -7.94 -7.37 -30.20
N LEU B 173 -7.98 -6.64 -29.08
CA LEU B 173 -8.14 -5.20 -29.11
C LEU B 173 -6.96 -4.50 -29.80
N ALA B 174 -5.77 -5.09 -29.65
CA ALA B 174 -4.56 -4.53 -30.24
C ALA B 174 -4.36 -4.94 -31.70
N GLY B 175 -5.18 -5.87 -32.18
CA GLY B 175 -5.08 -6.32 -33.56
C GLY B 175 -3.87 -7.19 -33.85
N VAL B 176 -3.43 -7.96 -32.87
CA VAL B 176 -2.27 -8.83 -33.06
C VAL B 176 -2.51 -10.28 -32.67
N ASN B 177 -1.63 -11.15 -33.16
CA ASN B 177 -1.62 -12.57 -32.84
C ASN B 177 -0.77 -12.59 -31.57
N LEU B 178 -1.37 -13.01 -30.45
CA LEU B 178 -0.67 -13.02 -29.17
C LEU B 178 0.74 -13.61 -29.16
N GLU B 179 0.87 -14.85 -29.62
CA GLU B 179 2.17 -15.50 -29.63
C GLU B 179 3.13 -14.91 -30.66
N GLU B 180 2.62 -14.65 -31.87
CA GLU B 180 3.47 -14.09 -32.92
C GLU B 180 4.05 -12.74 -32.49
N TYR B 181 3.17 -11.86 -31.99
CA TYR B 181 3.62 -10.56 -31.54
C TYR B 181 4.49 -10.67 -30.29
N GLY B 182 4.04 -11.47 -29.34
CA GLY B 182 4.78 -11.64 -28.10
C GLY B 182 6.22 -12.07 -28.30
N LEU B 183 6.42 -13.08 -29.14
CA LEU B 183 7.77 -13.57 -29.39
C LEU B 183 8.64 -12.51 -30.06
N ALA B 184 8.06 -11.77 -31.00
CA ALA B 184 8.79 -10.72 -31.70
C ALA B 184 9.21 -9.60 -30.74
N MET B 185 8.26 -9.18 -29.90
CA MET B 185 8.50 -8.11 -28.95
C MET B 185 9.60 -8.48 -27.95
N LEU B 186 9.53 -9.70 -27.41
CA LEU B 186 10.53 -10.15 -26.45
C LEU B 186 11.91 -10.26 -27.07
N LYS B 187 11.98 -10.70 -28.33
CA LYS B 187 13.27 -10.83 -28.99
C LYS B 187 13.91 -9.46 -29.19
N ALA B 188 13.08 -8.44 -29.37
CA ALA B 188 13.57 -7.08 -29.58
C ALA B 188 14.34 -6.54 -28.37
N GLY B 189 14.17 -7.19 -27.22
CA GLY B 189 14.86 -6.73 -26.04
C GLY B 189 16.05 -7.59 -25.65
N THR B 190 16.48 -8.47 -26.55
CA THR B 190 17.61 -9.35 -26.27
C THR B 190 18.88 -9.03 -27.04
N ASN B 191 18.90 -7.91 -27.75
CA ASN B 191 20.08 -7.55 -28.52
C ASN B 191 21.11 -6.82 -27.68
N LEU B 192 21.76 -7.56 -26.78
CA LEU B 192 22.75 -6.98 -25.88
C LEU B 192 24.08 -6.65 -26.53
N ALA B 193 24.35 -7.25 -27.69
CA ALA B 193 25.60 -7.00 -28.40
C ALA B 193 25.71 -5.56 -28.85
N SER B 194 24.58 -4.88 -28.97
CA SER B 194 24.56 -3.49 -29.40
C SER B 194 24.77 -2.51 -28.24
N LYS B 195 24.88 -3.04 -27.03
CA LYS B 195 25.05 -2.21 -25.84
C LYS B 195 26.43 -2.39 -25.20
N SER B 196 27.00 -1.29 -24.71
CA SER B 196 28.29 -1.35 -24.04
C SER B 196 28.05 -1.97 -22.66
N ALA B 197 29.12 -2.38 -21.99
CA ALA B 197 28.99 -2.99 -20.67
C ALA B 197 28.34 -2.05 -19.66
N GLU B 198 28.77 -0.79 -19.68
CA GLU B 198 28.22 0.19 -18.75
C GLU B 198 26.74 0.45 -19.01
N GLU B 199 26.33 0.37 -20.28
CA GLU B 199 24.93 0.59 -20.61
C GLU B 199 24.09 -0.63 -20.21
N LEU B 200 24.56 -1.81 -20.56
CA LEU B 200 23.79 -3.01 -20.26
C LEU B 200 23.45 -3.22 -18.79
N ILE B 201 24.35 -2.87 -17.88
CA ILE B 201 24.06 -3.07 -16.46
C ILE B 201 23.11 -2.03 -15.89
N ASP B 202 22.66 -1.09 -16.71
CA ASP B 202 21.73 -0.06 -16.24
C ASP B 202 20.49 0.07 -17.12
N ILE B 203 20.27 -0.92 -18.00
CA ILE B 203 19.10 -0.89 -18.86
C ILE B 203 17.83 -1.06 -18.04
N ASP B 204 17.85 -2.08 -17.18
CA ASP B 204 16.72 -2.42 -16.33
C ASP B 204 17.30 -2.72 -14.95
N ALA B 205 17.46 -1.68 -14.15
CA ALA B 205 18.06 -1.84 -12.84
C ALA B 205 17.37 -0.98 -11.80
N LYS B 206 17.20 -1.55 -10.62
CA LYS B 206 16.53 -0.89 -9.51
C LYS B 206 17.33 -1.02 -8.23
N THR B 207 17.21 -0.02 -7.36
CA THR B 207 17.90 -0.06 -6.09
C THR B 207 16.92 -0.49 -5.00
N PHE B 208 17.40 -1.32 -4.10
CA PHE B 208 16.61 -1.79 -2.96
C PHE B 208 17.44 -1.50 -1.73
N GLU B 209 16.79 -1.05 -0.67
CA GLU B 209 17.49 -0.74 0.57
C GLU B 209 17.26 -1.90 1.53
N LEU B 210 18.26 -2.77 1.63
CA LEU B 210 18.17 -3.93 2.49
C LEU B 210 18.96 -3.77 3.77
N ASN B 211 18.24 -3.54 4.86
CA ASN B 211 18.84 -3.36 6.17
C ASN B 211 19.91 -2.26 6.13
N GLY B 212 19.56 -1.13 5.53
CA GLY B 212 20.48 -0.01 5.45
C GLY B 212 21.49 -0.05 4.32
N ASN B 213 21.46 -1.12 3.53
CA ASN B 213 22.40 -1.27 2.42
C ASN B 213 21.73 -1.03 1.08
N ASN B 214 22.33 -0.19 0.24
CA ASN B 214 21.77 0.07 -1.08
C ASN B 214 22.28 -1.00 -2.04
N VAL B 215 21.39 -1.91 -2.39
CA VAL B 215 21.71 -3.02 -3.29
C VAL B 215 21.09 -2.77 -4.65
N ARG B 216 21.95 -2.73 -5.68
CA ARG B 216 21.49 -2.51 -7.04
C ARG B 216 21.25 -3.85 -7.70
N VAL B 217 20.04 -4.08 -8.19
CA VAL B 217 19.70 -5.33 -8.85
C VAL B 217 19.30 -5.03 -10.29
N ALA B 218 20.15 -5.46 -11.22
CA ALA B 218 19.92 -5.23 -12.64
C ALA B 218 19.56 -6.53 -13.32
N GLN B 219 18.88 -6.42 -14.46
CA GLN B 219 18.48 -7.59 -15.23
C GLN B 219 18.56 -7.30 -16.71
N VAL B 220 19.01 -8.30 -17.47
CA VAL B 220 19.07 -8.18 -18.93
C VAL B 220 18.51 -9.49 -19.50
N ASN B 221 17.73 -9.36 -20.58
CA ASN B 221 17.16 -10.52 -21.24
C ASN B 221 18.09 -10.98 -22.35
N THR B 222 18.30 -12.29 -22.43
CA THR B 222 19.17 -12.85 -23.45
C THR B 222 18.63 -14.20 -23.92
N VAL B 223 19.15 -14.66 -25.05
CA VAL B 223 18.76 -15.97 -25.58
C VAL B 223 19.96 -16.89 -25.45
N ASP B 224 21.07 -16.36 -24.92
CA ASP B 224 22.29 -17.14 -24.77
C ASP B 224 23.19 -16.57 -23.67
N ILE B 225 23.13 -17.20 -22.49
CA ILE B 225 23.92 -16.78 -21.34
C ILE B 225 25.42 -16.88 -21.60
N ALA B 226 25.84 -17.95 -22.27
CA ALA B 226 27.25 -18.16 -22.58
C ALA B 226 27.85 -16.98 -23.34
N GLU B 227 27.11 -16.46 -24.31
CA GLU B 227 27.58 -15.32 -25.10
C GLU B 227 27.79 -14.09 -24.23
N VAL B 228 26.91 -13.88 -23.25
CA VAL B 228 27.04 -12.73 -22.38
C VAL B 228 28.24 -12.90 -21.47
N LEU B 229 28.47 -14.13 -21.01
CA LEU B 229 29.60 -14.41 -20.12
C LEU B 229 30.96 -14.21 -20.80
N GLU B 230 30.97 -14.19 -22.13
CA GLU B 230 32.22 -13.97 -22.86
C GLU B 230 32.68 -12.53 -22.64
N ARG B 231 31.75 -11.70 -22.17
CA ARG B 231 32.03 -10.28 -21.91
C ARG B 231 32.13 -10.03 -20.41
N GLN B 232 32.33 -11.08 -19.63
CA GLN B 232 32.41 -10.96 -18.18
C GLN B 232 33.39 -9.91 -17.67
N ALA B 233 34.60 -9.90 -18.21
CA ALA B 233 35.61 -8.94 -17.78
C ALA B 233 35.13 -7.49 -17.88
N GLU B 234 34.59 -7.11 -19.03
CA GLU B 234 34.11 -5.75 -19.21
C GLU B 234 32.89 -5.45 -18.36
N ILE B 235 32.04 -6.46 -18.15
CA ILE B 235 30.86 -6.26 -17.33
C ILE B 235 31.25 -6.07 -15.87
N GLU B 236 32.23 -6.83 -15.40
CA GLU B 236 32.69 -6.70 -14.02
C GLU B 236 33.28 -5.31 -13.80
N ALA B 237 34.04 -4.82 -14.78
CA ALA B 237 34.66 -3.50 -14.68
C ALA B 237 33.57 -2.43 -14.58
N ALA B 238 32.52 -2.59 -15.39
CA ALA B 238 31.40 -1.64 -15.39
C ALA B 238 30.71 -1.66 -14.03
N ILE B 239 30.52 -2.85 -13.49
CA ILE B 239 29.87 -3.01 -12.19
C ILE B 239 30.69 -2.38 -11.07
N GLU B 240 32.00 -2.58 -11.10
CA GLU B 240 32.86 -2.01 -10.07
C GLU B 240 32.79 -0.49 -10.13
N LYS B 241 32.72 0.05 -11.35
CA LYS B 241 32.63 1.49 -11.53
C LYS B 241 31.30 2.00 -11.00
N ALA B 242 30.23 1.23 -11.24
CA ALA B 242 28.90 1.63 -10.78
C ALA B 242 28.85 1.66 -9.27
N ILE B 243 29.45 0.66 -8.63
CA ILE B 243 29.48 0.57 -7.18
C ILE B 243 30.23 1.77 -6.59
N ALA B 244 31.36 2.12 -7.22
CA ALA B 244 32.17 3.23 -6.75
C ALA B 244 31.47 4.57 -6.93
N ASP B 245 30.84 4.79 -8.08
CA ASP B 245 30.16 6.04 -8.35
C ASP B 245 28.85 6.25 -7.60
N ASN B 246 28.17 5.16 -7.25
CA ASN B 246 26.88 5.28 -6.58
C ASN B 246 26.84 4.88 -5.11
N GLY B 247 27.92 4.29 -4.61
CA GLY B 247 27.96 3.87 -3.23
C GLY B 247 27.11 2.68 -2.87
N TYR B 248 26.90 1.77 -3.83
CA TYR B 248 26.11 0.57 -3.54
C TYR B 248 26.92 -0.33 -2.63
N SER B 249 26.25 -1.12 -1.81
CA SER B 249 26.93 -2.05 -0.92
C SER B 249 27.19 -3.30 -1.78
N ASP B 250 26.26 -3.58 -2.67
CA ASP B 250 26.34 -4.74 -3.55
C ASP B 250 25.65 -4.50 -4.88
N PHE B 251 26.07 -5.23 -5.90
CA PHE B 251 25.48 -5.14 -7.23
C PHE B 251 25.19 -6.56 -7.69
N VAL B 252 23.93 -6.83 -8.02
CA VAL B 252 23.52 -8.14 -8.49
C VAL B 252 22.97 -8.02 -9.90
N LEU B 253 23.62 -8.70 -10.85
CA LEU B 253 23.17 -8.68 -12.23
C LEU B 253 22.54 -10.01 -12.61
N MET B 254 21.29 -9.96 -13.08
CA MET B 254 20.58 -11.15 -13.52
C MET B 254 20.74 -11.24 -15.04
N ILE B 255 21.43 -12.27 -15.52
CA ILE B 255 21.57 -12.46 -16.97
C ILE B 255 20.52 -13.53 -17.23
N THR B 256 19.33 -13.08 -17.64
CA THR B 256 18.20 -13.97 -17.83
C THR B 256 17.93 -14.53 -19.21
N ASP B 257 18.01 -15.86 -19.30
CA ASP B 257 17.74 -16.59 -20.54
C ASP B 257 16.21 -16.69 -20.57
N ILE B 258 15.59 -15.87 -21.41
CA ILE B 258 14.14 -15.85 -21.48
C ILE B 258 13.53 -17.00 -22.28
N ILE B 259 14.38 -17.82 -22.90
CA ILE B 259 13.90 -18.96 -23.66
C ILE B 259 13.79 -20.16 -22.73
N ASN B 260 14.85 -20.40 -21.97
CA ASN B 260 14.90 -21.55 -21.06
C ASN B 260 14.51 -21.25 -19.62
N SER B 261 14.28 -19.98 -19.31
CA SER B 261 13.89 -19.55 -17.98
C SER B 261 14.86 -19.87 -16.86
N ASN B 262 16.06 -19.28 -16.95
CA ASN B 262 17.11 -19.42 -15.95
C ASN B 262 17.86 -18.11 -15.97
N SER B 263 18.62 -17.85 -14.91
CA SER B 263 19.42 -16.63 -14.84
C SER B 263 20.80 -16.93 -14.28
N GLU B 264 21.83 -16.39 -14.91
CA GLU B 264 23.16 -16.53 -14.36
C GLU B 264 23.26 -15.28 -13.51
N ILE B 265 23.73 -15.42 -12.27
CA ILE B 265 23.86 -14.29 -11.39
C ILE B 265 25.33 -13.86 -11.33
N LEU B 266 25.58 -12.59 -11.64
CA LEU B 266 26.93 -12.03 -11.58
C LEU B 266 26.80 -10.99 -10.48
N ALA B 267 27.50 -11.21 -9.37
CA ALA B 267 27.40 -10.30 -8.24
C ALA B 267 28.76 -9.90 -7.68
N ILE B 268 28.84 -8.64 -7.25
CA ILE B 268 30.05 -8.08 -6.67
C ILE B 268 29.61 -7.15 -5.54
N GLY B 269 30.28 -7.23 -4.40
CA GLY B 269 29.91 -6.39 -3.28
C GLY B 269 30.54 -6.79 -1.95
N SER B 270 30.09 -6.15 -0.89
CA SER B 270 30.59 -6.43 0.46
C SER B 270 29.79 -7.50 1.20
N ASN B 271 28.68 -7.92 0.62
CA ASN B 271 27.83 -8.92 1.27
C ASN B 271 27.56 -10.13 0.40
N MET B 272 28.59 -10.66 -0.25
CA MET B 272 28.39 -11.82 -1.10
C MET B 272 27.92 -13.04 -0.32
N ASP B 273 28.23 -13.10 0.98
CA ASP B 273 27.78 -14.22 1.77
C ASP B 273 26.25 -14.21 1.86
N LYS B 274 25.67 -13.01 1.92
CA LYS B 274 24.22 -12.88 1.99
C LYS B 274 23.59 -13.21 0.65
N VAL B 275 24.30 -12.91 -0.43
CA VAL B 275 23.81 -13.21 -1.76
C VAL B 275 23.81 -14.73 -1.96
N GLU B 276 24.87 -15.38 -1.52
CA GLU B 276 24.97 -16.83 -1.65
C GLU B 276 23.90 -17.53 -0.83
N ALA B 277 23.61 -17.00 0.36
CA ALA B 277 22.60 -17.59 1.22
C ALA B 277 21.21 -17.45 0.58
N ALA B 278 20.96 -16.30 -0.03
CA ALA B 278 19.67 -16.05 -0.67
C ALA B 278 19.39 -16.97 -1.84
N PHE B 279 20.45 -17.30 -2.59
CA PHE B 279 20.30 -18.13 -3.78
C PHE B 279 20.73 -19.59 -3.65
N ASN B 280 21.12 -19.99 -2.44
CA ASN B 280 21.54 -21.36 -2.20
C ASN B 280 22.63 -21.82 -3.15
N PHE B 281 23.59 -20.94 -3.43
CA PHE B 281 24.70 -21.32 -4.30
C PHE B 281 26.03 -20.72 -3.86
N VAL B 282 27.09 -21.07 -4.58
CA VAL B 282 28.42 -20.59 -4.26
C VAL B 282 28.98 -19.90 -5.49
N LEU B 283 29.37 -18.63 -5.33
CA LEU B 283 29.92 -17.87 -6.43
C LEU B 283 31.33 -18.32 -6.75
N GLU B 284 31.64 -18.42 -8.04
CA GLU B 284 32.96 -18.78 -8.52
C GLU B 284 33.26 -17.70 -9.54
N ASN B 285 34.34 -16.95 -9.32
CA ASN B 285 34.68 -15.85 -10.21
C ASN B 285 33.48 -14.91 -10.35
N ASN B 286 32.87 -14.63 -9.20
CA ASN B 286 31.73 -13.71 -9.09
C ASN B 286 30.39 -14.13 -9.69
N HIS B 287 30.24 -15.39 -10.08
CA HIS B 287 28.95 -15.78 -10.64
C HIS B 287 28.54 -17.22 -10.34
N ALA B 288 27.25 -17.48 -10.52
CA ALA B 288 26.67 -18.80 -10.30
C ALA B 288 25.32 -18.85 -11.02
N PHE B 289 24.86 -20.06 -11.30
CA PHE B 289 23.61 -20.29 -12.02
C PHE B 289 22.41 -20.43 -11.10
N LEU B 290 21.37 -19.64 -11.37
CA LEU B 290 20.14 -19.67 -10.59
C LEU B 290 19.06 -20.29 -11.47
N ALA B 291 18.84 -21.59 -11.28
CA ALA B 291 17.88 -22.34 -12.07
C ALA B 291 16.42 -21.90 -11.92
N GLY B 292 15.75 -21.77 -13.06
CA GLY B 292 14.35 -21.37 -13.10
C GLY B 292 14.04 -19.91 -12.82
N ALA B 293 15.06 -19.13 -12.49
CA ALA B 293 14.84 -17.73 -12.17
C ALA B 293 14.71 -16.78 -13.36
N VAL B 294 13.60 -16.06 -13.41
CA VAL B 294 13.34 -15.08 -14.46
C VAL B 294 12.74 -13.82 -13.85
N SER B 295 12.26 -13.91 -12.61
CA SER B 295 11.61 -12.80 -11.94
C SER B 295 12.36 -12.16 -10.78
N ARG B 296 12.62 -10.86 -10.90
CA ARG B 296 13.31 -10.13 -9.84
C ARG B 296 12.39 -10.02 -8.62
N LYS B 297 11.13 -9.61 -8.83
CA LYS B 297 10.22 -9.46 -7.71
C LYS B 297 9.83 -10.74 -6.97
N LYS B 298 9.90 -11.88 -7.66
CA LYS B 298 9.50 -13.13 -7.02
C LYS B 298 10.65 -14.07 -6.67
N GLN B 299 11.74 -14.00 -7.42
CA GLN B 299 12.86 -14.91 -7.18
C GLN B 299 14.19 -14.30 -6.75
N VAL B 300 14.22 -12.99 -6.59
CA VAL B 300 15.44 -12.32 -6.16
C VAL B 300 15.22 -11.40 -4.95
N VAL B 301 14.29 -10.46 -5.09
CA VAL B 301 14.03 -9.52 -4.00
C VAL B 301 13.58 -10.13 -2.67
N PRO B 302 12.61 -11.05 -2.70
CA PRO B 302 12.17 -11.65 -1.43
C PRO B 302 13.32 -12.37 -0.71
N GLN B 303 14.10 -13.12 -1.49
CA GLN B 303 15.22 -13.88 -0.96
C GLN B 303 16.34 -13.00 -0.42
N LEU B 304 16.65 -11.92 -1.13
CA LEU B 304 17.69 -11.01 -0.68
C LEU B 304 17.21 -10.24 0.55
N THR B 305 15.93 -9.91 0.57
CA THR B 305 15.37 -9.19 1.71
C THR B 305 15.55 -10.04 2.96
N GLU B 306 15.23 -11.33 2.84
CA GLU B 306 15.35 -12.25 3.96
C GLU B 306 16.79 -12.47 4.41
N SER B 307 17.69 -12.71 3.46
CA SER B 307 19.08 -12.96 3.81
C SER B 307 19.79 -11.76 4.42
N PHE B 308 19.45 -10.56 3.96
CA PHE B 308 20.09 -9.36 4.49
C PHE B 308 19.57 -9.01 5.88
N ASN B 309 18.38 -9.51 6.23
CA ASN B 309 17.81 -9.24 7.54
C ASN B 309 18.01 -10.38 8.54
N ALA B 310 18.68 -11.45 8.11
CA ALA B 310 18.92 -12.58 8.99
C ALA B 310 20.01 -13.49 8.43
MN MN C . -10.52 1.70 13.06
MN MN D . -11.83 3.06 9.73
S SO4 E . -8.79 7.41 12.68
O1 SO4 E . -9.39 6.36 11.84
O2 SO4 E . -9.49 7.43 13.98
O3 SO4 E . -8.96 8.72 12.03
O4 SO4 E . -7.36 7.14 12.90
S SO4 F . 5.64 -10.61 3.31
O1 SO4 F . 5.61 -10.52 1.84
O2 SO4 F . 4.42 -10.02 3.88
O3 SO4 F . 6.80 -9.85 3.83
O4 SO4 F . 5.75 -12.02 3.73
C1 GOL G . -16.26 5.05 21.27
O1 GOL G . -16.89 4.41 22.37
C2 GOL G . -14.98 5.76 21.71
O2 GOL G . -15.28 6.77 22.69
C3 GOL G . -14.31 6.40 20.50
O3 GOL G . -14.00 5.42 19.52
MN MN H . 8.46 -2.19 -14.57
MN MN I . 5.66 -4.31 -13.82
S SO4 J . 10.57 -6.72 -11.49
O1 SO4 J . 11.50 -6.75 -12.64
O2 SO4 J . 9.31 -6.06 -11.89
O3 SO4 J . 10.28 -8.10 -11.07
O4 SO4 J . 11.21 -5.99 -10.39
S SO4 K . 1.37 12.68 1.23
O1 SO4 K . 1.58 11.86 0.02
O2 SO4 K . 0.07 12.30 1.84
O3 SO4 K . 2.46 12.42 2.19
O4 SO4 K . 1.35 14.11 0.86
C1 GOL L . 14.67 -6.03 -21.77
O1 GOL L . 15.06 -5.61 -23.06
C2 GOL L . 15.83 -5.91 -20.79
O2 GOL L . 16.95 -6.68 -21.25
C3 GOL L . 15.38 -6.41 -19.42
O3 GOL L . 14.22 -5.71 -19.00
C1 GOL M . 21.49 -21.03 -24.18
O1 GOL M . 21.62 -22.37 -24.62
C2 GOL M . 21.82 -20.91 -22.69
O2 GOL M . 21.53 -19.58 -22.24
C3 GOL M . 23.30 -21.21 -22.46
O3 GOL M . 24.14 -20.28 -23.13
#